data_9GPG
#
_entry.id   9GPG
#
_cell.length_a   95.528
_cell.length_b   99.359
_cell.length_c   153.728
_cell.angle_alpha   90.00
_cell.angle_beta   90.00
_cell.angle_gamma   90.00
#
_symmetry.space_group_name_H-M   'I 2 2 2'
#
loop_
_entity.id
_entity.type
_entity.pdbx_description
1 polymer 'DUF5060 domain-containing protein'
2 branched beta-D-mannopyranose-(1-4)-beta-D-mannopyranose
3 non-polymer beta-D-mannopyranose
4 non-polymer 2-AMINO-2-HYDROXYMETHYL-PROPANE-1,3-DIOL
5 water water
#
_entity_poly.entity_id   1
_entity_poly.type   'polypeptide(L)'
_entity_poly.pdbx_seq_one_letter_code
;ESRYKDNRPLNILGIDISKMELGRYNLFEVSIFLQGSYLNPFDPQEIDVEGIFEDQYGNQYRVPGFFYQEYKRELKNDYE
YLVPVGDPYFKIRFSPINIGSYKFFIKVKDKTGREVSSDKYTIYVKESEKPGYIRVSEKNWRYFKFDNGRQFLPIGANIC
WATSKGTYDYDVWLPKCAENGGNYFRVWLGPSWATFALERESVKEYDLKNAWKLDYVLNLAEKLNMYIMFCFDSYNELRY
QKEGAYPYWEHTPHYEKNGGPLKEPKDFWTNNEMIKYYKNKLRYIVARYGYSTNVFAWEFWNEVDIISPTAFVIGEVKKW
HEDMAKYLNSIDPWKHLITTSFAFSPGKPEIDSISGLNFVQTHIYKSNRYIDALLSLIAYKEKYRKPHLVGEFGLDAGGN
DLWVDPNGYVIHNAIWTTILSGASGTAMSWWWDNHIHPNNLYFHYRALADFVKDINFLEEKFERLTNYKFNVYNREIKVI
GLQGKKYILLWLYNAKEAYQYKKDIPNMDSSKFLGSIELLIKPPIKVIYYDTYRGEKIKELDLDKNVIPIIEFERDLAIK
IELLGEGE
;
_entity_poly.pdbx_strand_id   A
#
# COMPACT_ATOMS: atom_id res chain seq x y z
N SER A 2 -17.40 25.30 12.37
CA SER A 2 -17.61 25.74 11.00
C SER A 2 -16.72 26.94 10.65
N ARG A 3 -15.40 26.81 10.80
CA ARG A 3 -14.56 27.97 10.61
C ARG A 3 -14.43 28.41 9.15
N TYR A 4 -14.75 27.54 8.20
CA TYR A 4 -14.64 27.85 6.78
C TYR A 4 -15.97 28.19 6.13
N LYS A 5 -16.98 28.56 6.92
CA LYS A 5 -18.30 28.84 6.37
C LYS A 5 -18.27 30.05 5.44
N ASP A 6 -19.28 30.12 4.58
CA ASP A 6 -19.47 31.24 3.68
C ASP A 6 -20.97 31.48 3.55
N ASN A 7 -21.36 32.74 3.33
CA ASN A 7 -22.75 33.14 3.37
C ASN A 7 -23.07 34.11 2.23
N ARG A 8 -22.50 33.86 1.05
CA ARG A 8 -22.65 34.73 -0.10
C ARG A 8 -23.36 34.00 -1.22
N PRO A 9 -23.94 34.73 -2.18
CA PRO A 9 -24.62 34.05 -3.30
C PRO A 9 -23.60 33.29 -4.16
N LEU A 10 -24.00 32.10 -4.60
CA LEU A 10 -23.06 31.19 -5.25
C LEU A 10 -22.55 31.77 -6.56
N ASN A 11 -21.24 31.91 -6.68
CA ASN A 11 -20.63 32.41 -7.91
C ASN A 11 -19.22 31.86 -8.04
N ILE A 12 -18.86 31.40 -9.24
CA ILE A 12 -17.46 31.13 -9.51
C ILE A 12 -16.73 32.46 -9.69
N LEU A 13 -15.61 32.63 -8.98
CA LEU A 13 -14.84 33.87 -9.03
C LEU A 13 -13.58 33.77 -9.87
N GLY A 14 -13.03 32.57 -10.02
CA GLY A 14 -11.82 32.40 -10.82
C GLY A 14 -11.54 30.93 -11.03
N ILE A 15 -10.88 30.61 -12.14
CA ILE A 15 -10.45 29.25 -12.43
C ILE A 15 -9.03 29.34 -12.98
N ASP A 16 -8.12 28.54 -12.40
CA ASP A 16 -6.73 28.44 -12.88
C ASP A 16 -6.48 27.00 -13.32
N ILE A 17 -5.83 26.83 -14.46
CA ILE A 17 -5.60 25.51 -15.03
C ILE A 17 -4.10 25.26 -15.13
N SER A 18 -3.65 24.12 -14.61
CA SER A 18 -2.22 23.86 -14.46
C SER A 18 -1.51 23.91 -15.81
N LYS A 19 -2.05 23.20 -16.79
CA LYS A 19 -1.49 23.11 -18.13
C LYS A 19 -2.59 22.59 -19.04
N MET A 20 -2.56 23.01 -20.31
CA MET A 20 -3.55 22.55 -21.27
C MET A 20 -3.11 21.30 -22.04
N GLU A 21 -1.86 20.89 -21.88
CA GLU A 21 -1.35 19.69 -22.53
C GLU A 21 -0.59 18.87 -21.50
N LEU A 22 -0.81 17.55 -21.48
CA LEU A 22 -0.15 16.71 -20.49
C LEU A 22 -0.10 15.28 -21.02
N GLY A 23 0.58 14.43 -20.27
CA GLY A 23 0.78 13.05 -20.65
C GLY A 23 -0.22 12.11 -20.02
N ARG A 24 -0.35 10.94 -20.63
CA ARG A 24 -1.24 9.90 -20.12
C ARG A 24 -0.93 9.61 -18.67
N TYR A 25 -1.97 9.54 -17.84
CA TYR A 25 -1.91 9.23 -16.42
C TYR A 25 -1.22 10.32 -15.60
N ASN A 26 -0.93 11.48 -16.18
CA ASN A 26 -0.35 12.56 -15.41
C ASN A 26 -1.44 13.38 -14.74
N LEU A 27 -1.03 14.15 -13.74
CA LEU A 27 -1.97 14.99 -12.98
C LEU A 27 -2.36 16.23 -13.78
N PHE A 28 -3.67 16.45 -13.90
CA PHE A 28 -4.24 17.68 -14.44
C PHE A 28 -5.01 18.32 -13.30
N GLU A 29 -4.59 19.53 -12.91
CA GLU A 29 -5.15 20.18 -11.73
C GLU A 29 -5.84 21.48 -12.10
N VAL A 30 -7.02 21.70 -11.52
CA VAL A 30 -7.81 22.91 -11.72
C VAL A 30 -7.98 23.57 -10.36
N SER A 31 -7.72 24.87 -10.28
CA SER A 31 -7.99 25.64 -9.07
C SER A 31 -9.26 26.45 -9.27
N ILE A 32 -10.18 26.39 -8.30
CA ILE A 32 -11.47 27.08 -8.41
C ILE A 32 -11.62 28.00 -7.20
N PHE A 33 -11.80 29.28 -7.46
CA PHE A 33 -12.10 30.25 -6.43
C PHE A 33 -13.57 30.60 -6.55
N LEU A 34 -14.29 30.55 -5.44
CA LEU A 34 -15.74 30.74 -5.48
C LEU A 34 -16.21 31.35 -4.18
N GLN A 35 -17.45 31.82 -4.22
CA GLN A 35 -18.19 32.21 -3.04
C GLN A 35 -19.52 31.48 -3.07
N GLY A 36 -20.10 31.26 -1.89
CA GLY A 36 -21.36 30.57 -1.85
C GLY A 36 -21.87 30.47 -0.42
N SER A 37 -22.93 29.70 -0.24
CA SER A 37 -23.51 29.50 1.08
C SER A 37 -23.26 28.06 1.50
N TYR A 38 -22.40 27.88 2.49
CA TYR A 38 -22.11 26.56 3.00
C TYR A 38 -21.50 26.69 4.39
N LEU A 39 -21.82 25.73 5.24
CA LEU A 39 -21.26 25.70 6.59
C LEU A 39 -19.97 24.90 6.65
N ASN A 40 -19.81 23.95 5.76
CA ASN A 40 -18.74 22.99 5.85
C ASN A 40 -18.29 22.62 4.46
N PRO A 41 -17.09 23.07 4.02
CA PRO A 41 -16.65 22.81 2.65
C PRO A 41 -16.27 21.34 2.41
N PHE A 42 -16.25 20.52 3.46
CA PHE A 42 -15.97 19.10 3.33
C PHE A 42 -17.24 18.26 3.18
N ASP A 43 -18.42 18.90 3.19
CA ASP A 43 -19.69 18.20 3.17
C ASP A 43 -20.40 18.49 1.86
N PRO A 44 -20.64 17.50 1.00
CA PRO A 44 -21.24 17.80 -0.31
C PRO A 44 -22.67 18.28 -0.22
N GLN A 45 -23.37 18.03 0.88
CA GLN A 45 -24.71 18.60 1.05
C GLN A 45 -24.67 20.10 1.32
N GLU A 46 -23.50 20.62 1.71
CA GLU A 46 -23.33 22.05 1.91
C GLU A 46 -22.76 22.72 0.67
N ILE A 47 -21.76 22.11 0.04
CA ILE A 47 -21.26 22.58 -1.24
C ILE A 47 -20.65 21.39 -1.98
N ASP A 48 -21.02 21.25 -3.25
CA ASP A 48 -20.63 20.13 -4.11
C ASP A 48 -19.95 20.73 -5.34
N VAL A 49 -18.63 20.60 -5.41
CA VAL A 49 -17.85 21.00 -6.58
C VAL A 49 -17.53 19.74 -7.36
N GLU A 50 -17.73 19.78 -8.68
CA GLU A 50 -17.44 18.64 -9.53
C GLU A 50 -16.83 19.10 -10.83
N GLY A 51 -15.94 18.26 -11.37
CA GLY A 51 -15.43 18.43 -12.72
C GLY A 51 -15.91 17.27 -13.57
N ILE A 52 -16.52 17.61 -14.71
CA ILE A 52 -17.10 16.61 -15.59
C ILE A 52 -16.22 16.55 -16.82
N PHE A 53 -15.51 15.43 -17.00
CA PHE A 53 -14.55 15.25 -18.08
C PHE A 53 -15.08 14.23 -19.08
N GLU A 54 -14.72 14.42 -20.36
CA GLU A 54 -15.16 13.50 -21.40
C GLU A 54 -14.04 13.35 -22.42
N ASP A 55 -13.62 12.11 -22.69
CA ASP A 55 -12.59 11.92 -23.70
C ASP A 55 -13.23 11.94 -25.09
N GLN A 56 -12.39 11.81 -26.12
CA GLN A 56 -12.92 11.90 -27.48
C GLN A 56 -13.69 10.66 -27.89
N TYR A 57 -13.74 9.64 -27.04
CA TYR A 57 -14.50 8.43 -27.30
C TYR A 57 -15.84 8.41 -26.60
N GLY A 58 -16.19 9.49 -25.88
CA GLY A 58 -17.44 9.58 -25.17
C GLY A 58 -17.43 9.12 -23.73
N ASN A 59 -16.32 8.57 -23.22
CA ASN A 59 -16.24 8.16 -21.83
C ASN A 59 -16.24 9.39 -20.93
N GLN A 60 -17.07 9.36 -19.90
CA GLN A 60 -17.22 10.48 -18.98
C GLN A 60 -16.66 10.13 -17.61
N TYR A 61 -16.09 11.13 -16.95
CA TYR A 61 -15.51 11.00 -15.62
C TYR A 61 -16.05 12.13 -14.76
N ARG A 62 -16.68 11.79 -13.64
CA ARG A 62 -17.25 12.78 -12.74
C ARG A 62 -16.35 12.83 -11.52
N VAL A 63 -15.58 13.91 -11.42
CA VAL A 63 -14.53 14.03 -10.42
C VAL A 63 -14.99 14.98 -9.32
N PRO A 64 -15.15 14.53 -8.08
CA PRO A 64 -15.48 15.47 -7.00
C PRO A 64 -14.30 16.38 -6.72
N GLY A 65 -14.62 17.65 -6.42
CA GLY A 65 -13.62 18.62 -6.01
C GLY A 65 -13.47 18.67 -4.51
N PHE A 66 -12.41 19.33 -4.04
CA PHE A 66 -12.08 19.29 -2.63
C PHE A 66 -11.52 20.63 -2.16
N PHE A 67 -11.75 20.92 -0.90
CA PHE A 67 -11.26 22.12 -0.25
C PHE A 67 -9.77 21.99 0.05
N TYR A 68 -9.01 23.05 -0.22
CA TYR A 68 -7.56 23.01 -0.23
C TYR A 68 -6.98 24.27 0.41
N GLN A 69 -5.93 24.10 1.21
CA GLN A 69 -5.12 25.22 1.70
C GLN A 69 -3.67 24.99 1.33
N GLU A 70 -3.04 25.98 0.69
CA GLU A 70 -1.61 25.91 0.40
C GLU A 70 -0.79 26.18 1.65
N TYR A 71 0.33 25.47 1.79
CA TYR A 71 1.27 25.70 2.88
C TYR A 71 2.69 25.77 2.34
N LYS A 72 3.55 26.41 3.11
CA LYS A 72 4.99 26.39 2.90
C LYS A 72 5.60 25.69 4.09
N ARG A 73 6.34 24.61 3.86
CA ARG A 73 6.91 23.88 4.98
C ARG A 73 8.27 24.44 5.36
N GLU A 74 8.60 24.29 6.63
CA GLU A 74 9.95 24.56 7.11
C GLU A 74 10.23 23.61 8.26
N LEU A 75 11.51 23.49 8.58
CA LEU A 75 11.96 22.68 9.71
C LEU A 75 12.39 23.63 10.82
N LYS A 76 11.69 23.58 11.94
CA LYS A 76 12.01 24.36 13.14
C LYS A 76 12.75 23.42 14.08
N ASN A 77 14.08 23.42 13.97
CA ASN A 77 14.94 22.49 14.70
C ASN A 77 14.57 21.04 14.41
N ASP A 78 13.69 20.46 15.21
CA ASP A 78 13.40 19.04 15.08
C ASP A 78 11.94 18.77 14.76
N TYR A 79 11.20 19.77 14.29
CA TYR A 79 9.82 19.53 13.89
C TYR A 79 9.46 20.33 12.66
N GLU A 80 8.62 19.72 11.84
CA GLU A 80 8.07 20.39 10.68
C GLU A 80 7.00 21.41 11.09
N TYR A 81 7.04 22.58 10.46
CA TYR A 81 6.06 23.64 10.68
C TYR A 81 5.53 24.08 9.33
N LEU A 82 4.21 24.20 9.21
CA LEU A 82 3.56 24.59 7.96
C LEU A 82 2.97 26.00 8.08
N VAL A 83 3.41 26.90 7.20
CA VAL A 83 2.90 28.27 7.16
C VAL A 83 1.83 28.36 6.06
N PRO A 84 0.62 28.81 6.37
CA PRO A 84 -0.40 28.94 5.33
C PRO A 84 -0.03 30.02 4.32
N VAL A 85 -0.32 29.75 3.06
CA VAL A 85 -0.05 30.67 1.97
C VAL A 85 -1.39 30.94 1.28
N GLY A 86 -1.86 32.19 1.36
CA GLY A 86 -3.10 32.54 0.70
C GLY A 86 -4.36 32.01 1.36
N ASP A 87 -5.50 32.41 0.82
CA ASP A 87 -6.78 31.87 1.27
C ASP A 87 -6.96 30.45 0.76
N PRO A 88 -7.74 29.63 1.46
CA PRO A 88 -8.11 28.33 0.91
C PRO A 88 -9.09 28.48 -0.25
N TYR A 89 -9.15 27.44 -1.07
CA TYR A 89 -10.00 27.42 -2.26
C TYR A 89 -10.27 25.95 -2.60
N PHE A 90 -10.90 25.72 -3.75
CA PHE A 90 -11.29 24.38 -4.15
C PHE A 90 -10.43 23.92 -5.31
N LYS A 91 -10.20 22.61 -5.37
CA LYS A 91 -9.37 22.05 -6.43
C LYS A 91 -10.06 20.85 -7.05
N ILE A 92 -9.73 20.58 -8.30
CA ILE A 92 -10.08 19.34 -8.98
C ILE A 92 -8.79 18.72 -9.50
N ARG A 93 -8.61 17.41 -9.24
CA ARG A 93 -7.44 16.69 -9.70
C ARG A 93 -7.88 15.53 -10.57
N PHE A 94 -7.41 15.53 -11.81
CA PHE A 94 -7.86 14.57 -12.81
C PHE A 94 -6.64 13.86 -13.41
N SER A 95 -6.86 12.66 -13.89
CA SER A 95 -5.79 11.97 -14.60
C SER A 95 -6.40 11.27 -15.82
N PRO A 96 -5.88 11.53 -17.03
CA PRO A 96 -6.46 10.94 -18.24
C PRO A 96 -5.92 9.54 -18.48
N ILE A 97 -6.81 8.60 -18.78
CA ILE A 97 -6.33 7.25 -19.09
C ILE A 97 -6.18 7.04 -20.58
N ASN A 98 -6.88 7.81 -21.39
CA ASN A 98 -6.73 7.77 -22.84
C ASN A 98 -5.94 8.99 -23.30
N ILE A 99 -5.30 8.86 -24.47
CA ILE A 99 -4.68 10.03 -25.09
C ILE A 99 -5.68 10.67 -26.04
N GLY A 100 -5.35 11.84 -26.55
CA GLY A 100 -6.24 12.60 -27.38
C GLY A 100 -6.85 13.77 -26.64
N SER A 101 -8.00 14.21 -27.13
CA SER A 101 -8.62 15.40 -26.58
C SER A 101 -9.59 15.05 -25.46
N TYR A 102 -9.68 15.92 -24.47
CA TYR A 102 -10.71 15.87 -23.44
C TYR A 102 -11.40 17.22 -23.38
N LYS A 103 -12.70 17.19 -23.15
CA LYS A 103 -13.43 18.41 -22.81
C LYS A 103 -13.92 18.29 -21.38
N PHE A 104 -13.95 19.41 -20.67
CA PHE A 104 -14.46 19.36 -19.30
C PHE A 104 -15.05 20.71 -18.93
N PHE A 105 -15.90 20.67 -17.91
CA PHE A 105 -16.41 21.88 -17.29
C PHE A 105 -16.52 21.69 -15.79
N ILE A 106 -16.66 22.81 -15.07
CA ILE A 106 -16.80 22.81 -13.61
C ILE A 106 -18.26 23.07 -13.26
N LYS A 107 -18.75 22.36 -12.26
CA LYS A 107 -20.13 22.49 -11.79
C LYS A 107 -20.10 22.64 -10.28
N VAL A 108 -20.84 23.63 -9.75
CA VAL A 108 -20.90 23.85 -8.31
C VAL A 108 -22.37 24.01 -7.89
N LYS A 109 -22.72 23.35 -6.78
CA LYS A 109 -24.04 23.47 -6.18
C LYS A 109 -23.87 23.67 -4.67
N ASP A 110 -24.57 24.65 -4.10
CA ASP A 110 -24.45 24.84 -2.65
C ASP A 110 -25.76 24.49 -1.95
N LYS A 111 -25.84 24.81 -0.65
CA LYS A 111 -26.94 24.30 0.16
C LYS A 111 -28.28 24.93 -0.23
N THR A 112 -28.26 26.04 -0.95
CA THR A 112 -29.49 26.68 -1.42
C THR A 112 -30.13 25.96 -2.59
N GLY A 113 -29.44 25.00 -3.21
CA GLY A 113 -29.90 24.38 -4.42
C GLY A 113 -29.47 25.07 -5.69
N ARG A 114 -29.01 26.32 -5.58
CA ARG A 114 -28.48 27.03 -6.74
C ARG A 114 -27.29 26.26 -7.33
N GLU A 115 -27.17 26.31 -8.65
CA GLU A 115 -26.14 25.60 -9.38
C GLU A 115 -25.51 26.54 -10.40
N VAL A 116 -24.17 26.56 -10.47
CA VAL A 116 -23.45 27.36 -11.45
C VAL A 116 -22.42 26.47 -12.15
N SER A 117 -21.92 26.96 -13.28
CA SER A 117 -21.12 26.14 -14.21
C SER A 117 -19.96 26.92 -14.83
N SER A 118 -18.91 26.22 -15.25
CA SER A 118 -17.79 26.82 -15.98
C SER A 118 -17.88 26.35 -17.42
N ASP A 119 -17.33 27.15 -18.33
CA ASP A 119 -17.49 26.84 -19.76
C ASP A 119 -16.68 25.59 -20.13
N LYS A 120 -17.02 24.95 -21.24
CA LYS A 120 -16.27 23.76 -21.63
C LYS A 120 -14.87 24.19 -22.07
N TYR A 121 -13.89 23.51 -21.49
CA TYR A 121 -12.49 23.71 -21.81
C TYR A 121 -12.02 22.45 -22.51
N THR A 122 -11.01 22.61 -23.38
CA THR A 122 -10.42 21.50 -24.10
C THR A 122 -8.96 21.38 -23.71
N ILE A 123 -8.53 20.15 -23.44
CA ILE A 123 -7.15 19.84 -23.13
C ILE A 123 -6.74 18.68 -24.02
N TYR A 124 -5.43 18.53 -24.21
CA TYR A 124 -4.89 17.50 -25.08
CA TYR A 124 -4.91 17.48 -25.06
C TYR A 124 -3.90 16.64 -24.32
N VAL A 125 -4.02 15.32 -24.51
CA VAL A 125 -3.22 14.35 -23.77
C VAL A 125 -2.37 13.58 -24.78
N LYS A 126 -1.05 13.59 -24.55
CA LYS A 126 -0.11 12.83 -25.35
C LYS A 126 0.33 11.57 -24.61
N GLU A 127 0.92 10.64 -25.35
CA GLU A 127 1.42 9.42 -24.73
C GLU A 127 2.52 9.75 -23.73
N SER A 128 2.64 8.91 -22.69
CA SER A 128 3.68 9.05 -21.68
C SER A 128 4.25 7.67 -21.35
N GLU A 129 5.25 7.68 -20.47
CA GLU A 129 5.90 6.47 -19.99
C GLU A 129 5.12 5.78 -18.87
N LYS A 130 4.08 6.40 -18.34
CA LYS A 130 3.46 5.85 -17.14
C LYS A 130 2.72 4.56 -17.45
N PRO A 131 2.88 3.52 -16.63
CA PRO A 131 2.22 2.23 -16.91
C PRO A 131 0.75 2.17 -16.53
N GLY A 132 0.23 3.13 -15.77
CA GLY A 132 -1.17 3.16 -15.41
C GLY A 132 -1.43 2.78 -13.96
N TYR A 133 -2.70 2.47 -13.68
CA TYR A 133 -3.14 2.10 -12.33
C TYR A 133 -2.85 0.62 -12.07
N ILE A 134 -2.76 0.27 -10.79
CA ILE A 134 -2.50 -1.10 -10.37
C ILE A 134 -3.81 -1.85 -10.21
N ARG A 135 -3.88 -3.03 -10.81
CA ARG A 135 -5.05 -3.90 -10.89
C ARG A 135 -4.67 -5.33 -10.50
N VAL A 136 -5.67 -6.16 -10.27
CA VAL A 136 -5.43 -7.60 -10.16
C VAL A 136 -5.12 -8.15 -11.55
N SER A 137 -4.12 -9.03 -11.64
CA SER A 137 -3.81 -9.67 -12.92
C SER A 137 -4.90 -10.63 -13.33
N GLU A 138 -5.36 -10.49 -14.58
CA GLU A 138 -6.29 -11.45 -15.15
C GLU A 138 -5.61 -12.75 -15.58
N LYS A 139 -4.28 -12.74 -15.73
CA LYS A 139 -3.56 -13.95 -16.11
C LYS A 139 -3.27 -14.86 -14.92
N ASN A 140 -2.99 -14.26 -13.76
CA ASN A 140 -2.68 -15.05 -12.56
C ASN A 140 -3.20 -14.26 -11.38
N TRP A 141 -4.30 -14.72 -10.77
CA TRP A 141 -4.96 -13.99 -9.70
C TRP A 141 -4.09 -13.83 -8.45
N ARG A 142 -2.90 -14.43 -8.41
CA ARG A 142 -2.01 -14.24 -7.27
C ARG A 142 -1.30 -12.91 -7.32
N TYR A 143 -1.33 -12.21 -8.44
CA TYR A 143 -0.42 -11.10 -8.66
C TYR A 143 -1.17 -9.86 -9.15
N PHE A 144 -0.50 -8.73 -9.00
CA PHE A 144 -0.94 -7.43 -9.49
C PHE A 144 -0.26 -7.09 -10.81
N LYS A 145 -0.93 -6.22 -11.57
CA LYS A 145 -0.40 -5.70 -12.82
C LYS A 145 -0.66 -4.21 -12.87
N PHE A 146 0.05 -3.53 -13.75
CA PHE A 146 -0.33 -2.20 -14.18
C PHE A 146 -1.29 -2.30 -15.37
N ASP A 147 -2.01 -1.21 -15.64
CA ASP A 147 -2.92 -1.18 -16.78
C ASP A 147 -2.22 -1.60 -18.08
N ASN A 148 -0.96 -1.24 -18.24
CA ASN A 148 -0.29 -1.58 -19.49
C ASN A 148 0.13 -3.05 -19.56
N GLY A 149 -0.21 -3.85 -18.55
CA GLY A 149 0.05 -5.27 -18.57
C GLY A 149 1.31 -5.71 -17.85
N ARG A 150 2.24 -4.80 -17.55
CA ARG A 150 3.42 -5.21 -16.81
C ARG A 150 3.07 -5.54 -15.36
N GLN A 151 3.84 -6.46 -14.77
CA GLN A 151 3.55 -6.86 -13.41
C GLN A 151 3.88 -5.74 -12.42
N PHE A 152 3.16 -5.73 -11.30
CA PHE A 152 3.52 -4.93 -10.14
C PHE A 152 3.75 -5.91 -9.00
N LEU A 153 5.03 -6.09 -8.64
CA LEU A 153 5.40 -6.91 -7.49
C LEU A 153 5.80 -5.97 -6.36
N PRO A 154 4.95 -5.75 -5.36
CA PRO A 154 5.32 -4.82 -4.28
C PRO A 154 6.52 -5.34 -3.51
N ILE A 155 7.53 -4.49 -3.43
CA ILE A 155 8.73 -4.73 -2.64
C ILE A 155 8.93 -3.48 -1.79
N GLY A 156 8.91 -3.63 -0.48
CA GLY A 156 9.05 -2.46 0.37
C GLY A 156 8.79 -2.78 1.81
N ALA A 157 8.21 -1.81 2.52
CA ALA A 157 7.94 -1.99 3.94
C ALA A 157 6.82 -1.02 4.34
N ASN A 158 6.31 -1.23 5.55
CA ASN A 158 5.48 -0.20 6.17
C ASN A 158 6.32 1.03 6.43
N ILE A 159 5.78 2.21 6.11
CA ILE A 159 6.42 3.48 6.47
C ILE A 159 5.28 4.41 6.90
N CYS A 160 4.62 4.04 7.99
CA CYS A 160 3.24 4.49 8.16
C CYS A 160 3.09 5.88 8.73
N TRP A 161 4.11 6.40 9.42
CA TRP A 161 4.06 7.76 9.94
C TRP A 161 5.49 8.22 10.18
N ALA A 162 5.65 9.53 10.32
CA ALA A 162 6.95 10.14 10.56
C ALA A 162 7.09 10.55 12.03
N THR A 163 8.29 11.01 12.37
CA THR A 163 8.52 11.70 13.64
C THR A 163 7.95 13.10 13.55
N SER A 164 8.29 13.95 14.52
CA SER A 164 7.88 15.35 14.41
C SER A 164 8.45 16.02 13.17
N LYS A 165 9.48 15.44 12.55
CA LYS A 165 10.01 16.03 11.32
C LYS A 165 9.08 15.87 10.13
N GLY A 166 8.05 15.02 10.24
CA GLY A 166 6.99 15.02 9.22
C GLY A 166 7.50 14.64 7.84
N THR A 167 7.15 15.46 6.84
CA THR A 167 7.56 15.17 5.46
C THR A 167 9.08 15.10 5.32
N TYR A 168 9.84 15.77 6.19
CA TYR A 168 11.30 15.71 6.07
C TYR A 168 11.84 14.31 6.32
N ASP A 169 11.13 13.47 7.09
CA ASP A 169 11.55 12.08 7.23
C ASP A 169 11.34 11.31 5.94
N TYR A 170 10.23 11.56 5.24
CA TYR A 170 9.99 10.86 3.98
C TYR A 170 11.01 11.26 2.93
N ASP A 171 11.51 12.50 2.99
CA ASP A 171 12.62 12.93 2.13
C ASP A 171 13.83 12.02 2.26
N VAL A 172 14.01 11.43 3.43
CA VAL A 172 15.15 10.56 3.72
C VAL A 172 14.83 9.09 3.47
N TRP A 173 13.70 8.62 4.00
CA TRP A 173 13.38 7.20 3.91
C TRP A 173 13.09 6.78 2.47
N LEU A 174 12.28 7.58 1.74
CA LEU A 174 11.80 7.10 0.44
C LEU A 174 12.92 6.99 -0.60
N PRO A 175 13.82 7.95 -0.75
CA PRO A 175 14.90 7.75 -1.73
C PRO A 175 15.75 6.53 -1.43
N LYS A 176 16.03 6.27 -0.15
CA LYS A 176 16.80 5.09 0.22
C LYS A 176 16.05 3.82 -0.16
N CYS A 177 14.75 3.78 0.10
CA CYS A 177 13.96 2.62 -0.28
C CYS A 177 13.98 2.43 -1.79
N ALA A 178 13.77 3.53 -2.53
CA ALA A 178 13.60 3.43 -3.98
C ALA A 178 14.90 3.05 -4.67
N GLU A 179 16.03 3.53 -4.16
CA GLU A 179 17.28 3.19 -4.80
C GLU A 179 17.73 1.76 -4.49
N ASN A 180 17.04 1.08 -3.58
CA ASN A 180 17.33 -0.30 -3.21
C ASN A 180 16.20 -1.25 -3.62
N GLY A 181 15.53 -0.95 -4.75
CA GLY A 181 14.55 -1.85 -5.29
C GLY A 181 13.17 -1.72 -4.71
N GLY A 182 12.96 -0.78 -3.79
CA GLY A 182 11.63 -0.63 -3.19
C GLY A 182 10.70 0.16 -4.09
N ASN A 183 9.47 -0.33 -4.21
CA ASN A 183 8.43 0.37 -4.97
C ASN A 183 7.12 0.45 -4.19
N TYR A 184 7.13 0.19 -2.88
CA TYR A 184 5.88 0.10 -2.14
C TYR A 184 6.10 0.63 -0.72
N PHE A 185 5.10 1.34 -0.21
CA PHE A 185 4.98 1.52 1.24
C PHE A 185 3.53 1.79 1.59
N ARG A 186 3.26 1.82 2.90
CA ARG A 186 1.92 1.99 3.43
C ARG A 186 1.94 3.15 4.42
N VAL A 187 0.93 4.01 4.35
CA VAL A 187 0.81 5.15 5.26
C VAL A 187 -0.52 5.09 5.99
N TRP A 188 -0.55 5.66 7.19
CA TRP A 188 -1.78 5.73 7.98
C TRP A 188 -2.42 7.11 7.93
N LEU A 189 -3.73 7.15 7.72
CA LEU A 189 -4.53 8.38 7.72
C LEU A 189 -5.37 8.50 9.00
N GLY A 190 -5.17 7.58 9.94
CA GLY A 190 -5.72 7.65 11.27
C GLY A 190 -4.85 6.78 12.16
N PRO A 191 -5.00 6.87 13.49
CA PRO A 191 -5.85 7.74 14.29
C PRO A 191 -5.38 9.19 14.24
N SER A 192 -5.94 10.03 15.12
CA SER A 192 -5.78 11.46 14.95
C SER A 192 -4.33 11.93 15.17
N TRP A 193 -3.48 11.11 15.79
CA TRP A 193 -2.08 11.46 16.00
C TRP A 193 -1.20 11.16 14.79
N ALA A 194 -1.73 10.47 13.78
CA ALA A 194 -0.91 10.06 12.65
C ALA A 194 -0.48 11.26 11.83
N THR A 195 0.68 11.13 11.18
CA THR A 195 1.20 12.21 10.34
C THR A 195 0.17 12.70 9.34
N PHE A 196 -0.57 11.78 8.71
CA PHE A 196 -1.51 12.14 7.65
C PHE A 196 -2.96 12.07 8.13
N ALA A 197 -3.21 12.27 9.43
CA ALA A 197 -4.57 12.13 9.94
C ALA A 197 -5.49 13.17 9.32
N LEU A 198 -6.53 12.71 8.62
CA LEU A 198 -7.51 13.65 8.10
C LEU A 198 -8.52 14.03 9.18
N GLU A 199 -8.93 13.06 9.99
CA GLU A 199 -9.82 13.32 11.11
C GLU A 199 -8.97 13.60 12.34
N ARG A 200 -8.46 14.82 12.42
CA ARG A 200 -7.55 15.18 13.51
C ARG A 200 -8.31 15.76 14.69
N GLU A 201 -9.11 16.79 14.46
CA GLU A 201 -9.94 17.39 15.50
C GLU A 201 -11.42 17.04 15.39
N SER A 202 -11.84 16.46 14.27
CA SER A 202 -13.25 16.35 13.94
C SER A 202 -13.42 15.17 13.01
N VAL A 203 -14.62 14.58 13.00
CA VAL A 203 -14.97 13.64 11.93
C VAL A 203 -15.82 14.30 10.85
N LYS A 204 -16.14 15.59 11.01
CA LYS A 204 -16.94 16.32 10.03
C LYS A 204 -16.12 17.18 9.09
N GLU A 205 -14.95 17.61 9.54
CA GLU A 205 -14.06 18.48 8.77
C GLU A 205 -12.66 17.88 8.83
N TYR A 206 -11.91 18.00 7.74
CA TYR A 206 -10.64 17.27 7.61
C TYR A 206 -9.46 18.22 7.68
N ASP A 207 -8.34 17.71 8.16
CA ASP A 207 -7.21 18.54 8.51
C ASP A 207 -6.42 18.93 7.26
N LEU A 208 -6.41 20.22 6.93
CA LEU A 208 -5.79 20.63 5.67
C LEU A 208 -4.27 20.56 5.72
N LYS A 209 -3.66 20.73 6.91
CA LYS A 209 -2.21 20.58 7.00
C LYS A 209 -1.78 19.14 6.75
N ASN A 210 -2.44 18.18 7.40
CA ASN A 210 -2.04 16.80 7.21
C ASN A 210 -2.34 16.32 5.80
N ALA A 211 -3.43 16.81 5.20
CA ALA A 211 -3.73 16.48 3.80
C ALA A 211 -2.63 17.01 2.88
N TRP A 212 -2.10 18.19 3.19
CA TRP A 212 -1.00 18.74 2.41
C TRP A 212 0.26 17.89 2.56
N LYS A 213 0.53 17.40 3.78
CA LYS A 213 1.67 16.51 3.95
C LYS A 213 1.50 15.25 3.12
N LEU A 214 0.27 14.74 3.03
CA LEU A 214 0.03 13.54 2.23
C LEU A 214 0.21 13.83 0.74
N ASP A 215 -0.24 15.01 0.28
CA ASP A 215 0.10 15.46 -1.07
C ASP A 215 1.61 15.37 -1.30
N TYR A 216 2.38 15.94 -0.37
CA TYR A 216 3.82 16.02 -0.54
C TYR A 216 4.42 14.63 -0.69
N VAL A 217 4.00 13.71 0.18
CA VAL A 217 4.58 12.37 0.16
C VAL A 217 4.13 11.59 -1.07
N LEU A 218 2.87 11.79 -1.49
CA LEU A 218 2.41 11.17 -2.73
C LEU A 218 3.18 11.70 -3.93
N ASN A 219 3.46 13.01 -3.96
CA ASN A 219 4.26 13.57 -5.04
C ASN A 219 5.67 13.01 -5.04
N LEU A 220 6.25 12.78 -3.86
CA LEU A 220 7.57 12.18 -3.78
C LEU A 220 7.54 10.75 -4.31
N ALA A 221 6.50 9.99 -3.93
CA ALA A 221 6.34 8.65 -4.50
C ALA A 221 6.23 8.72 -6.02
N GLU A 222 5.54 9.75 -6.55
CA GLU A 222 5.43 9.88 -8.01
C GLU A 222 6.80 10.04 -8.64
N LYS A 223 7.66 10.85 -8.02
CA LYS A 223 9.00 11.09 -8.56
C LYS A 223 9.86 9.83 -8.51
N LEU A 224 9.64 8.98 -7.51
CA LEU A 224 10.49 7.82 -7.24
C LEU A 224 9.92 6.51 -7.79
N ASN A 225 8.78 6.55 -8.47
CA ASN A 225 8.07 5.34 -8.92
C ASN A 225 7.80 4.38 -7.76
N MET A 226 7.17 4.91 -6.71
CA MET A 226 6.71 4.11 -5.59
C MET A 226 5.20 4.21 -5.49
N TYR A 227 4.58 3.17 -4.91
CA TYR A 227 3.13 3.02 -4.91
C TYR A 227 2.67 2.75 -3.48
N ILE A 228 1.60 3.43 -3.06
CA ILE A 228 1.28 3.55 -1.64
C ILE A 228 -0.06 2.89 -1.34
N MET A 229 -0.11 2.14 -0.25
CA MET A 229 -1.40 1.76 0.31
C MET A 229 -1.81 2.79 1.36
N PHE A 230 -3.00 3.37 1.21
CA PHE A 230 -3.54 4.36 2.15
C PHE A 230 -4.42 3.63 3.15
N CYS A 231 -4.04 3.62 4.42
CA CYS A 231 -4.88 2.96 5.42
C CYS A 231 -5.72 4.04 6.11
N PHE A 232 -7.04 3.98 5.93
CA PHE A 232 -7.89 5.09 6.32
C PHE A 232 -8.04 5.20 7.85
N ASP A 233 -8.22 4.08 8.52
CA ASP A 233 -8.50 4.07 9.95
C ASP A 233 -7.73 2.95 10.61
N SER A 234 -7.42 3.12 11.90
CA SER A 234 -6.79 2.05 12.65
C SER A 234 -7.61 1.72 13.89
N TYR A 235 -7.54 0.44 14.29
CA TYR A 235 -8.34 -0.12 15.38
C TYR A 235 -8.29 0.73 16.64
N ASN A 236 -7.17 1.44 16.87
CA ASN A 236 -7.02 2.20 18.12
C ASN A 236 -8.18 3.15 18.32
N GLU A 237 -8.71 3.68 17.22
CA GLU A 237 -9.80 4.66 17.28
C GLU A 237 -11.01 4.12 18.01
N LEU A 238 -11.24 2.82 17.92
CA LEU A 238 -12.42 2.19 18.51
C LEU A 238 -12.07 1.21 19.63
N ARG A 239 -10.96 1.47 20.34
CA ARG A 239 -10.52 0.59 21.43
C ARG A 239 -10.41 1.40 22.71
N TYR A 240 -11.03 0.92 23.78
CA TYR A 240 -11.07 1.63 25.05
C TYR A 240 -9.74 1.57 25.78
N GLN A 241 -9.49 2.63 26.55
CA GLN A 241 -8.27 2.73 27.36
C GLN A 241 -8.03 1.47 28.19
N LYS A 242 -9.06 0.95 28.84
CA LYS A 242 -8.87 -0.17 29.74
C LYS A 242 -8.49 -1.45 29.00
N GLU A 243 -8.63 -1.46 27.67
CA GLU A 243 -8.34 -2.64 26.86
C GLU A 243 -6.90 -2.68 26.36
N GLY A 244 -6.12 -1.61 26.57
CA GLY A 244 -4.71 -1.60 26.22
C GLY A 244 -4.45 -1.64 24.72
N ALA A 245 -3.22 -2.02 24.36
CA ALA A 245 -2.78 -2.11 22.96
C ALA A 245 -2.88 -0.77 22.24
N TYR A 246 -2.27 0.25 22.83
CA TYR A 246 -2.27 1.61 22.30
C TYR A 246 -3.70 2.10 22.01
N PRO A 247 -4.58 2.07 22.99
CA PRO A 247 -5.98 2.44 22.77
C PRO A 247 -6.12 3.95 22.58
N TYR A 248 -7.21 4.34 21.89
CA TYR A 248 -7.41 5.75 21.59
C TYR A 248 -8.87 6.21 21.63
N TRP A 249 -9.83 5.36 22.00
CA TRP A 249 -11.23 5.76 21.96
C TRP A 249 -11.47 7.04 22.76
N GLU A 250 -10.91 7.11 23.96
CA GLU A 250 -11.14 8.27 24.81
C GLU A 250 -10.66 9.57 24.16
N HIS A 251 -9.77 9.50 23.19
CA HIS A 251 -9.20 10.68 22.56
C HIS A 251 -9.67 10.89 21.14
N THR A 252 -10.48 9.99 20.59
CA THR A 252 -10.76 10.04 19.16
C THR A 252 -11.93 10.99 18.88
N PRO A 253 -11.92 11.67 17.74
CA PRO A 253 -13.01 12.64 17.46
C PRO A 253 -14.36 11.99 17.26
N HIS A 254 -14.41 10.67 17.02
CA HIS A 254 -15.68 9.97 16.84
C HIS A 254 -16.52 10.01 18.10
N TYR A 255 -15.87 10.02 19.26
CA TYR A 255 -16.53 9.90 20.55
C TYR A 255 -17.28 11.18 20.88
N GLU A 256 -18.52 11.02 21.34
CA GLU A 256 -19.36 12.17 21.71
C GLU A 256 -18.66 13.10 22.69
N LYS A 257 -17.86 12.54 23.61
CA LYS A 257 -17.12 13.36 24.56
C LYS A 257 -16.25 14.38 23.85
N ASN A 258 -15.79 14.07 22.66
CA ASN A 258 -14.86 14.90 21.91
C ASN A 258 -15.53 15.58 20.72
N GLY A 259 -16.85 15.63 20.71
CA GLY A 259 -17.60 16.35 19.70
C GLY A 259 -18.23 15.48 18.63
N GLY A 260 -17.95 14.17 18.64
CA GLY A 260 -18.42 13.29 17.60
C GLY A 260 -19.79 12.70 17.86
N PRO A 261 -20.28 11.89 16.92
CA PRO A 261 -21.64 11.35 17.04
C PRO A 261 -21.79 10.10 17.88
N LEU A 262 -20.71 9.43 18.28
CA LEU A 262 -20.79 8.08 18.81
C LEU A 262 -20.77 8.07 20.34
N LYS A 263 -21.74 7.37 20.93
CA LYS A 263 -21.70 7.16 22.37
C LYS A 263 -20.76 6.01 22.75
N GLU A 264 -20.53 5.07 21.84
CA GLU A 264 -19.63 3.95 22.10
C GLU A 264 -19.13 3.44 20.75
N PRO A 265 -17.99 2.75 20.71
CA PRO A 265 -17.43 2.37 19.41
C PRO A 265 -18.30 1.42 18.61
N LYS A 266 -19.14 0.61 19.28
CA LYS A 266 -20.05 -0.27 18.55
C LYS A 266 -20.90 0.48 17.55
N ASP A 267 -21.25 1.72 17.87
CA ASP A 267 -22.17 2.46 17.02
C ASP A 267 -21.52 2.95 15.74
N PHE A 268 -20.19 2.85 15.61
CA PHE A 268 -19.52 3.29 14.39
C PHE A 268 -20.12 2.62 13.15
N TRP A 269 -20.49 1.35 13.26
CA TRP A 269 -20.88 0.57 12.08
C TRP A 269 -22.26 0.93 11.58
N THR A 270 -23.15 1.41 12.46
CA THR A 270 -24.55 1.60 12.08
C THR A 270 -25.07 3.02 12.31
N ASN A 271 -24.33 3.88 13.00
CA ASN A 271 -24.83 5.23 13.28
C ASN A 271 -24.96 6.01 11.97
N ASN A 272 -26.16 6.54 11.72
CA ASN A 272 -26.41 7.17 10.41
C ASN A 272 -25.54 8.40 10.20
N GLU A 273 -25.33 9.19 11.26
CA GLU A 273 -24.51 10.37 11.13
C GLU A 273 -23.06 10.00 10.84
N MET A 274 -22.54 8.99 11.54
CA MET A 274 -21.16 8.56 11.31
C MET A 274 -20.98 8.01 9.90
N ILE A 275 -21.96 7.24 9.43
CA ILE A 275 -21.87 6.68 8.08
C ILE A 275 -21.85 7.80 7.05
N LYS A 276 -22.70 8.81 7.25
CA LYS A 276 -22.71 9.97 6.37
C LYS A 276 -21.36 10.66 6.33
N TYR A 277 -20.80 10.94 7.50
CA TYR A 277 -19.48 11.59 7.57
CA TYR A 277 -19.51 11.64 7.47
C TYR A 277 -18.41 10.72 6.95
N TYR A 278 -18.47 9.41 7.18
CA TYR A 278 -17.44 8.53 6.64
C TYR A 278 -17.48 8.53 5.12
N LYS A 279 -18.67 8.58 4.54
CA LYS A 279 -18.74 8.67 3.08
C LYS A 279 -18.22 10.02 2.59
N ASN A 280 -18.43 11.09 3.35
CA ASN A 280 -17.83 12.37 3.00
C ASN A 280 -16.30 12.28 3.02
N LYS A 281 -15.76 11.52 3.97
CA LYS A 281 -14.31 11.35 4.01
C LYS A 281 -13.82 10.57 2.80
N LEU A 282 -14.52 9.50 2.44
CA LEU A 282 -14.15 8.76 1.24
C LEU A 282 -14.20 9.64 0.01
N ARG A 283 -15.23 10.50 -0.08
CA ARG A 283 -15.30 11.42 -1.21
C ARG A 283 -14.14 12.39 -1.22
N TYR A 284 -13.74 12.87 -0.04
CA TYR A 284 -12.62 13.78 0.05
C TYR A 284 -11.31 13.09 -0.35
N ILE A 285 -11.15 11.83 0.05
CA ILE A 285 -9.94 11.09 -0.30
C ILE A 285 -9.90 10.83 -1.81
N VAL A 286 -11.02 10.43 -2.40
CA VAL A 286 -11.05 10.23 -3.85
C VAL A 286 -10.77 11.54 -4.58
N ALA A 287 -11.42 12.62 -4.13
CA ALA A 287 -11.21 13.92 -4.78
C ALA A 287 -9.75 14.33 -4.73
N ARG A 288 -9.12 14.21 -3.56
CA ARG A 288 -7.78 14.77 -3.39
C ARG A 288 -6.67 13.84 -3.90
N TYR A 289 -6.88 12.53 -3.86
CA TYR A 289 -5.80 11.59 -4.17
C TYR A 289 -6.14 10.56 -5.24
N GLY A 290 -7.40 10.41 -5.63
CA GLY A 290 -7.80 9.33 -6.52
C GLY A 290 -7.13 9.39 -7.88
N TYR A 291 -6.82 10.60 -8.36
CA TYR A 291 -6.16 10.73 -9.67
C TYR A 291 -4.88 9.91 -9.76
N SER A 292 -4.22 9.64 -8.64
CA SER A 292 -2.81 9.26 -8.67
C SER A 292 -2.64 7.77 -8.98
N THR A 293 -1.88 7.45 -10.03
CA THR A 293 -1.53 6.04 -10.20
C THR A 293 -0.57 5.55 -9.10
N ASN A 294 0.00 6.46 -8.32
CA ASN A 294 0.84 6.04 -7.20
C ASN A 294 0.04 5.66 -5.95
N VAL A 295 -1.28 5.76 -5.98
CA VAL A 295 -2.10 5.10 -4.97
C VAL A 295 -2.30 3.65 -5.40
N PHE A 296 -1.61 2.73 -4.71
CA PHE A 296 -1.76 1.30 -4.98
C PHE A 296 -3.13 0.80 -4.50
N ALA A 297 -3.55 1.20 -3.31
CA ALA A 297 -4.77 0.63 -2.77
C ALA A 297 -5.35 1.50 -1.68
N TRP A 298 -6.69 1.47 -1.61
CA TRP A 298 -7.46 1.98 -0.48
C TRP A 298 -7.62 0.85 0.54
N GLU A 299 -7.17 1.08 1.77
CA GLU A 299 -7.32 0.10 2.85
C GLU A 299 -8.20 0.69 3.94
N PHE A 300 -9.35 0.07 4.20
CA PHE A 300 -10.27 0.69 5.15
C PHE A 300 -9.70 0.72 6.56
N TRP A 301 -9.22 -0.44 7.04
CA TRP A 301 -8.87 -0.61 8.44
C TRP A 301 -7.52 -1.28 8.63
N ASN A 302 -6.77 -0.76 9.58
CA ASN A 302 -5.68 -1.51 10.20
C ASN A 302 -6.27 -2.34 11.34
N GLU A 303 -6.31 -3.66 11.16
CA GLU A 303 -6.61 -4.64 12.21
C GLU A 303 -7.97 -4.38 12.89
N VAL A 304 -9.03 -4.39 12.09
CA VAL A 304 -10.36 -4.03 12.57
C VAL A 304 -10.88 -5.03 13.60
N ASP A 305 -10.33 -6.25 13.63
CA ASP A 305 -10.79 -7.26 14.57
C ASP A 305 -10.34 -7.00 16.00
N ILE A 306 -9.41 -6.07 16.24
CA ILE A 306 -9.05 -5.76 17.62
C ILE A 306 -9.45 -4.34 18.01
N ILE A 307 -10.51 -3.81 17.38
CA ILE A 307 -11.29 -2.77 18.04
C ILE A 307 -11.83 -3.38 19.34
N SER A 308 -12.45 -2.56 20.18
CA SER A 308 -13.03 -3.07 21.42
C SER A 308 -13.88 -4.30 21.13
N PRO A 309 -13.78 -5.36 21.93
CA PRO A 309 -14.73 -6.47 21.78
C PRO A 309 -16.17 -6.05 22.01
N THR A 310 -16.41 -4.91 22.69
CA THR A 310 -17.78 -4.42 22.80
C THR A 310 -18.30 -3.90 21.47
N ALA A 311 -17.41 -3.70 20.49
CA ALA A 311 -17.76 -3.02 19.25
C ALA A 311 -17.67 -3.91 18.02
N PHE A 312 -17.10 -5.11 18.13
CA PHE A 312 -16.87 -5.94 16.94
C PHE A 312 -18.02 -6.92 16.80
N VAL A 313 -18.90 -6.64 15.85
CA VAL A 313 -20.05 -7.49 15.53
C VAL A 313 -19.84 -7.93 14.09
N ILE A 314 -19.48 -9.20 13.88
CA ILE A 314 -18.94 -9.62 12.60
C ILE A 314 -19.91 -9.32 11.45
N GLY A 315 -21.21 -9.56 11.66
CA GLY A 315 -22.16 -9.30 10.60
C GLY A 315 -22.26 -7.82 10.25
N GLU A 316 -22.12 -6.94 11.24
CA GLU A 316 -22.20 -5.52 10.95
C GLU A 316 -20.92 -5.00 10.33
N VAL A 317 -19.77 -5.52 10.77
CA VAL A 317 -18.51 -5.11 10.15
C VAL A 317 -18.46 -5.59 8.70
N LYS A 318 -18.97 -6.80 8.45
CA LYS A 318 -19.03 -7.31 7.07
C LYS A 318 -19.92 -6.42 6.20
N LYS A 319 -21.13 -6.13 6.67
CA LYS A 319 -22.04 -5.30 5.89
C LYS A 319 -21.44 -3.93 5.62
N TRP A 320 -20.80 -3.33 6.63
CA TRP A 320 -20.18 -2.04 6.46
C TRP A 320 -19.08 -2.08 5.39
N HIS A 321 -18.26 -3.14 5.41
CA HIS A 321 -17.23 -3.24 4.37
C HIS A 321 -17.86 -3.43 2.98
N GLU A 322 -18.89 -4.27 2.87
CA GLU A 322 -19.59 -4.43 1.60
C GLU A 322 -20.13 -3.08 1.11
N ASP A 323 -20.83 -2.34 1.98
CA ASP A 323 -21.47 -1.10 1.57
C ASP A 323 -20.44 -0.02 1.26
N MET A 324 -19.38 0.09 2.07
CA MET A 324 -18.39 1.13 1.83
C MET A 324 -17.53 0.82 0.61
N ALA A 325 -17.21 -0.46 0.38
CA ALA A 325 -16.49 -0.82 -0.83
C ALA A 325 -17.32 -0.49 -2.07
N LYS A 326 -18.63 -0.79 -2.03
CA LYS A 326 -19.50 -0.46 -3.15
C LYS A 326 -19.56 1.05 -3.38
N TYR A 327 -19.72 1.84 -2.29
CA TYR A 327 -19.76 3.28 -2.42
C TYR A 327 -18.45 3.83 -2.97
N LEU A 328 -17.34 3.39 -2.37
CA LEU A 328 -16.02 3.90 -2.77
C LEU A 328 -15.76 3.61 -4.25
N ASN A 329 -15.98 2.37 -4.68
CA ASN A 329 -15.88 2.03 -6.09
C ASN A 329 -16.75 2.95 -6.93
N SER A 330 -17.98 3.20 -6.47
CA SER A 330 -18.92 3.95 -7.29
C SER A 330 -18.47 5.40 -7.50
N ILE A 331 -17.78 6.01 -6.53
CA ILE A 331 -17.38 7.39 -6.71
C ILE A 331 -15.94 7.56 -7.19
N ASP A 332 -15.14 6.49 -7.20
CA ASP A 332 -13.73 6.56 -7.61
C ASP A 332 -13.65 6.37 -9.12
N PRO A 333 -13.44 7.45 -9.90
CA PRO A 333 -13.40 7.31 -11.35
C PRO A 333 -12.34 6.32 -11.84
N TRP A 334 -11.31 6.04 -11.04
CA TRP A 334 -10.20 5.20 -11.47
C TRP A 334 -10.22 3.81 -10.84
N LYS A 335 -11.18 3.52 -9.95
CA LYS A 335 -11.43 2.17 -9.43
C LYS A 335 -10.18 1.54 -8.84
N HIS A 336 -9.56 2.24 -7.88
CA HIS A 336 -8.39 1.67 -7.21
C HIS A 336 -8.78 0.41 -6.45
N LEU A 337 -7.78 -0.45 -6.24
CA LEU A 337 -7.96 -1.63 -5.41
C LEU A 337 -8.39 -1.24 -3.98
N ILE A 338 -9.21 -2.09 -3.38
CA ILE A 338 -9.74 -1.90 -2.03
C ILE A 338 -9.42 -3.13 -1.19
N THR A 339 -9.00 -2.92 0.06
CA THR A 339 -8.69 -4.03 0.96
C THR A 339 -8.97 -3.62 2.40
N THR A 340 -8.72 -4.54 3.34
CA THR A 340 -8.81 -4.27 4.78
C THR A 340 -7.91 -5.30 5.47
N SER A 341 -7.66 -5.11 6.77
CA SER A 341 -6.71 -5.99 7.45
C SER A 341 -7.16 -6.37 8.85
N PHE A 342 -6.55 -7.44 9.34
CA PHE A 342 -6.85 -8.06 10.62
C PHE A 342 -5.55 -8.35 11.38
N ALA A 343 -5.65 -8.28 12.71
CA ALA A 343 -4.52 -8.70 13.53
C ALA A 343 -4.41 -10.21 13.57
N PHE A 344 -5.55 -10.90 13.63
CA PHE A 344 -5.55 -12.36 13.60
C PHE A 344 -4.95 -12.82 12.27
N SER A 345 -3.84 -13.55 12.33
CA SER A 345 -3.11 -13.85 11.10
C SER A 345 -3.96 -14.61 10.08
N PRO A 346 -4.81 -15.58 10.44
CA PRO A 346 -5.67 -16.22 9.44
C PRO A 346 -6.76 -15.32 8.89
N GLY A 347 -6.97 -14.12 9.44
CA GLY A 347 -7.99 -13.23 8.92
C GLY A 347 -9.41 -13.66 9.30
N LYS A 348 -10.37 -13.02 8.64
CA LYS A 348 -11.79 -13.24 8.90
C LYS A 348 -12.46 -13.62 7.60
N PRO A 349 -12.67 -14.91 7.33
CA PRO A 349 -13.22 -15.30 6.02
C PRO A 349 -14.52 -14.61 5.64
N GLU A 350 -15.38 -14.30 6.61
CA GLU A 350 -16.65 -13.63 6.30
C GLU A 350 -16.42 -12.29 5.63
N ILE A 351 -15.31 -11.62 5.95
CA ILE A 351 -14.98 -10.34 5.35
C ILE A 351 -14.02 -10.50 4.17
N ASP A 352 -12.99 -11.33 4.33
CA ASP A 352 -12.02 -11.50 3.25
C ASP A 352 -12.67 -12.03 1.98
N SER A 353 -13.78 -12.76 2.10
CA SER A 353 -14.46 -13.31 0.93
C SER A 353 -15.31 -12.30 0.18
N ILE A 354 -15.49 -11.08 0.71
CA ILE A 354 -16.30 -10.05 0.05
C ILE A 354 -15.72 -9.72 -1.31
N SER A 355 -16.57 -9.73 -2.35
CA SER A 355 -16.05 -9.45 -3.69
C SER A 355 -15.55 -8.03 -3.82
N GLY A 356 -16.09 -7.09 -3.03
CA GLY A 356 -15.62 -5.72 -3.10
C GLY A 356 -14.23 -5.48 -2.55
N LEU A 357 -13.66 -6.45 -1.83
CA LEU A 357 -12.27 -6.38 -1.41
C LEU A 357 -11.44 -7.13 -2.44
N ASN A 358 -10.59 -6.39 -3.16
CA ASN A 358 -9.92 -6.97 -4.33
C ASN A 358 -8.74 -7.87 -3.97
N PHE A 359 -8.19 -7.74 -2.76
CA PHE A 359 -7.12 -8.64 -2.33
C PHE A 359 -7.17 -8.77 -0.80
N VAL A 360 -6.54 -9.84 -0.30
CA VAL A 360 -6.53 -10.15 1.12
C VAL A 360 -5.14 -9.89 1.68
N GLN A 361 -5.06 -9.80 3.01
CA GLN A 361 -3.79 -9.54 3.68
C GLN A 361 -3.58 -10.45 4.88
N THR A 362 -2.32 -10.53 5.29
CA THR A 362 -1.95 -11.16 6.56
C THR A 362 -1.08 -10.18 7.33
N HIS A 363 -1.35 -10.03 8.62
CA HIS A 363 -0.41 -9.47 9.58
C HIS A 363 0.07 -10.64 10.47
N ILE A 364 1.37 -10.77 10.63
CA ILE A 364 1.86 -11.83 11.53
C ILE A 364 3.14 -11.37 12.21
N TYR A 365 3.14 -11.46 13.54
CA TYR A 365 4.32 -11.25 14.37
C TYR A 365 4.54 -12.55 15.11
N LYS A 366 5.61 -13.25 14.77
CA LYS A 366 5.86 -14.58 15.30
C LYS A 366 7.37 -14.77 15.37
N SER A 367 7.87 -15.25 16.50
CA SER A 367 9.32 -15.41 16.63
C SER A 367 9.81 -16.79 16.25
N ASN A 368 9.02 -17.83 16.46
CA ASN A 368 9.48 -19.20 16.29
C ASN A 368 8.91 -19.80 15.02
N ARG A 369 9.80 -20.27 14.14
CA ARG A 369 9.42 -21.00 12.93
C ARG A 369 8.49 -20.18 12.05
N TYR A 370 8.77 -18.87 11.93
CA TYR A 370 7.90 -18.03 11.13
C TYR A 370 7.99 -18.33 9.63
N ILE A 371 9.07 -18.95 9.14
CA ILE A 371 9.09 -19.33 7.74
C ILE A 371 7.97 -20.33 7.45
N ASP A 372 7.81 -21.32 8.32
CA ASP A 372 6.73 -22.29 8.13
C ASP A 372 5.37 -21.65 8.29
N ALA A 373 5.24 -20.69 9.21
CA ALA A 373 3.97 -20.02 9.42
C ALA A 373 3.57 -19.20 8.21
N LEU A 374 4.54 -18.50 7.59
CA LEU A 374 4.24 -17.76 6.38
C LEU A 374 3.81 -18.69 5.25
N LEU A 375 4.57 -19.77 5.06
CA LEU A 375 4.22 -20.76 4.03
C LEU A 375 2.80 -21.28 4.23
N SER A 376 2.46 -21.63 5.47
CA SER A 376 1.13 -22.17 5.76
C SER A 376 0.04 -21.15 5.47
N LEU A 377 0.25 -19.89 5.85
CA LEU A 377 -0.78 -18.87 5.64
C LEU A 377 -0.94 -18.57 4.15
N ILE A 378 0.16 -18.54 3.41
CA ILE A 378 0.07 -18.29 1.97
C ILE A 378 -0.67 -19.43 1.28
N ALA A 379 -0.38 -20.67 1.65
CA ALA A 379 -1.11 -21.80 1.08
C ALA A 379 -2.58 -21.71 1.42
N TYR A 380 -2.91 -21.38 2.67
CA TYR A 380 -4.30 -21.31 3.08
C TYR A 380 -5.08 -20.26 2.30
N LYS A 381 -4.51 -19.06 2.12
CA LYS A 381 -5.32 -18.00 1.56
C LYS A 381 -5.40 -18.05 0.03
N GLU A 382 -4.79 -19.04 -0.60
CA GLU A 382 -5.08 -19.29 -2.02
C GLU A 382 -6.55 -19.58 -2.24
N LYS A 383 -7.28 -19.95 -1.19
CA LYS A 383 -8.70 -20.26 -1.36
C LYS A 383 -9.50 -19.05 -1.82
N TYR A 384 -9.00 -17.83 -1.62
CA TYR A 384 -9.77 -16.66 -2.01
C TYR A 384 -9.65 -16.33 -3.50
N ARG A 385 -8.68 -16.90 -4.21
CA ARG A 385 -8.54 -16.67 -5.65
C ARG A 385 -8.40 -15.18 -5.96
N LYS A 386 -7.70 -14.47 -5.09
CA LYS A 386 -7.29 -13.11 -5.36
C LYS A 386 -5.96 -12.89 -4.65
N PRO A 387 -5.26 -11.79 -4.94
CA PRO A 387 -3.89 -11.66 -4.44
C PRO A 387 -3.85 -11.56 -2.92
N HIS A 388 -2.67 -11.89 -2.38
CA HIS A 388 -2.42 -11.96 -0.95
C HIS A 388 -1.19 -11.12 -0.64
N LEU A 389 -1.35 -10.11 0.21
CA LEU A 389 -0.23 -9.27 0.63
C LEU A 389 0.04 -9.52 2.11
N VAL A 390 1.25 -9.91 2.45
CA VAL A 390 1.62 -10.02 3.85
C VAL A 390 1.97 -8.61 4.29
N GLY A 391 0.96 -7.85 4.70
CA GLY A 391 1.10 -6.41 4.89
C GLY A 391 1.80 -5.99 6.16
N GLU A 392 1.92 -6.87 7.15
CA GLU A 392 2.76 -6.60 8.31
C GLU A 392 3.46 -7.88 8.74
N PHE A 393 4.73 -7.74 9.08
CA PHE A 393 5.53 -8.87 9.53
C PHE A 393 6.60 -8.43 10.50
N GLY A 394 6.85 -9.25 11.52
CA GLY A 394 8.01 -9.05 12.38
C GLY A 394 8.10 -10.19 13.38
N LEU A 395 9.12 -10.12 14.23
CA LEU A 395 9.16 -11.01 15.40
C LEU A 395 8.04 -10.67 16.37
N ASP A 396 7.72 -11.62 17.25
CA ASP A 396 6.87 -11.31 18.39
C ASP A 396 7.77 -11.04 19.60
N ALA A 397 8.42 -9.86 19.55
CA ALA A 397 9.48 -9.55 20.51
C ALA A 397 9.24 -8.23 21.22
N GLY A 398 7.99 -7.77 21.30
CA GLY A 398 7.70 -6.50 21.96
C GLY A 398 8.38 -5.30 21.35
N GLY A 399 8.63 -5.33 20.04
CA GLY A 399 9.34 -4.25 19.39
C GLY A 399 10.84 -4.29 19.53
N ASN A 400 11.40 -5.40 19.97
CA ASN A 400 12.82 -5.49 20.26
C ASN A 400 13.64 -6.00 19.07
N ASP A 401 13.03 -6.08 17.88
CA ASP A 401 13.73 -6.57 16.71
C ASP A 401 15.03 -5.83 16.46
N LEU A 402 15.05 -4.52 16.74
CA LEU A 402 16.20 -3.71 16.37
C LEU A 402 17.46 -4.13 17.13
N TRP A 403 17.33 -4.72 18.31
CA TRP A 403 18.52 -5.20 19.00
C TRP A 403 18.64 -6.72 19.05
N VAL A 404 17.54 -7.46 18.88
CA VAL A 404 17.63 -8.91 18.72
C VAL A 404 18.24 -9.27 17.37
N ASP A 405 17.96 -8.47 16.34
CA ASP A 405 18.33 -8.79 14.96
C ASP A 405 18.79 -7.53 14.23
N PRO A 406 19.90 -6.92 14.66
CA PRO A 406 20.34 -5.68 14.00
C PRO A 406 20.75 -5.85 12.55
N ASN A 407 21.05 -7.08 12.09
CA ASN A 407 21.40 -7.28 10.69
C ASN A 407 20.19 -7.49 9.79
N GLY A 408 18.98 -7.59 10.36
CA GLY A 408 17.79 -7.78 9.56
C GLY A 408 17.61 -9.15 8.96
N TYR A 409 18.17 -10.20 9.59
CA TYR A 409 17.97 -11.55 9.11
C TYR A 409 16.50 -11.96 9.12
N VAL A 410 15.73 -11.50 10.10
CA VAL A 410 14.32 -11.85 10.17
C VAL A 410 13.58 -11.30 8.95
N ILE A 411 13.77 -10.01 8.68
CA ILE A 411 13.19 -9.41 7.48
C ILE A 411 13.66 -10.16 6.25
N HIS A 412 14.97 -10.44 6.18
CA HIS A 412 15.56 -11.16 5.07
C HIS A 412 14.84 -12.48 4.83
N ASN A 413 14.70 -13.29 5.87
CA ASN A 413 14.04 -14.59 5.73
C ASN A 413 12.61 -14.42 5.23
N ALA A 414 11.91 -13.42 5.74
CA ALA A 414 10.50 -13.29 5.41
C ALA A 414 10.29 -12.81 3.98
N ILE A 415 11.13 -11.89 3.49
CA ILE A 415 10.87 -11.40 2.14
C ILE A 415 11.20 -12.48 1.10
N TRP A 416 12.22 -13.31 1.35
CA TRP A 416 12.48 -14.41 0.43
C TRP A 416 11.38 -15.48 0.51
N THR A 417 10.97 -15.84 1.73
CA THR A 417 9.92 -16.83 1.91
C THR A 417 8.63 -16.42 1.21
N THR A 418 8.22 -15.17 1.39
CA THR A 418 6.91 -14.78 0.88
C THR A 418 6.91 -14.71 -0.64
N ILE A 419 7.94 -14.12 -1.24
CA ILE A 419 7.86 -13.96 -2.68
C ILE A 419 8.08 -15.30 -3.40
N LEU A 420 8.76 -16.26 -2.80
CA LEU A 420 8.96 -17.56 -3.42
C LEU A 420 7.98 -18.61 -2.91
N SER A 421 6.98 -18.20 -2.14
CA SER A 421 5.87 -19.06 -1.76
C SER A 421 4.60 -18.75 -2.56
N GLY A 422 4.62 -17.71 -3.38
CA GLY A 422 3.46 -17.34 -4.16
C GLY A 422 2.68 -16.15 -3.66
N ALA A 423 3.17 -15.44 -2.65
CA ALA A 423 2.49 -14.20 -2.26
C ALA A 423 2.72 -13.14 -3.33
N SER A 424 1.88 -12.09 -3.29
CA SER A 424 1.90 -11.07 -4.34
C SER A 424 3.15 -10.22 -4.31
N GLY A 425 3.84 -10.17 -3.18
CA GLY A 425 5.07 -9.41 -3.07
C GLY A 425 5.76 -9.77 -1.75
N THR A 426 6.67 -8.90 -1.31
CA THR A 426 7.40 -9.17 -0.08
C THR A 426 6.52 -9.04 1.15
N ALA A 427 6.86 -9.81 2.18
CA ALA A 427 6.38 -9.49 3.52
C ALA A 427 6.80 -8.06 3.87
N MET A 428 5.88 -7.30 4.47
CA MET A 428 6.10 -5.88 4.69
C MET A 428 6.45 -5.66 6.16
N SER A 429 7.72 -5.32 6.41
CA SER A 429 8.24 -5.18 7.77
C SER A 429 7.65 -3.96 8.46
N TRP A 430 7.58 -4.04 9.79
CA TRP A 430 7.36 -2.89 10.66
C TRP A 430 8.71 -2.23 10.92
N TRP A 431 8.75 -1.27 11.83
CA TRP A 431 10.01 -0.73 12.37
C TRP A 431 10.84 -0.01 11.31
N TRP A 432 10.17 0.75 10.42
CA TRP A 432 10.89 1.49 9.38
C TRP A 432 11.80 2.55 9.98
N ASP A 433 11.39 3.16 11.10
CA ASP A 433 12.08 4.34 11.59
C ASP A 433 13.18 4.00 12.59
N ASN A 434 12.97 2.99 13.44
CA ASN A 434 13.94 2.64 14.47
C ASN A 434 14.80 1.43 14.09
N HIS A 435 14.50 0.75 12.99
CA HIS A 435 15.23 -0.47 12.65
C HIS A 435 15.72 -0.42 11.21
N ILE A 436 14.79 -0.41 10.23
CA ILE A 436 15.19 -0.49 8.84
C ILE A 436 16.16 0.63 8.49
N HIS A 437 15.80 1.89 8.82
CA HIS A 437 16.69 2.97 8.41
C HIS A 437 17.99 3.01 9.22
N PRO A 438 17.96 3.08 10.55
CA PRO A 438 19.25 3.22 11.26
C PRO A 438 20.15 2.02 11.12
N ASN A 439 19.61 0.81 11.01
CA ASN A 439 20.45 -0.34 10.75
C ASN A 439 20.74 -0.55 9.27
N ASN A 440 20.25 0.34 8.41
CA ASN A 440 20.58 0.37 6.97
C ASN A 440 20.30 -0.99 6.33
N LEU A 441 19.06 -1.44 6.46
CA LEU A 441 18.68 -2.78 6.04
C LEU A 441 18.22 -2.84 4.58
N TYR A 442 18.32 -1.72 3.85
CA TYR A 442 17.74 -1.64 2.51
C TYR A 442 18.39 -2.64 1.56
N PHE A 443 19.66 -2.99 1.79
CA PHE A 443 20.34 -3.88 0.85
C PHE A 443 19.66 -5.23 0.70
N HIS A 444 18.95 -5.71 1.74
CA HIS A 444 18.18 -6.95 1.61
C HIS A 444 17.18 -6.85 0.47
N TYR A 445 16.50 -5.72 0.35
CA TYR A 445 15.49 -5.56 -0.69
C TYR A 445 16.14 -5.47 -2.06
N ARG A 446 17.31 -4.82 -2.15
CA ARG A 446 17.98 -4.70 -3.44
C ARG A 446 18.37 -6.07 -3.97
N ALA A 447 18.91 -6.91 -3.09
CA ALA A 447 19.30 -8.27 -3.50
C ALA A 447 18.10 -9.06 -4.01
N LEU A 448 16.96 -8.95 -3.31
CA LEU A 448 15.76 -9.67 -3.74
C LEU A 448 15.21 -9.10 -5.04
N ALA A 449 15.13 -7.77 -5.13
CA ALA A 449 14.57 -7.16 -6.34
C ALA A 449 15.36 -7.56 -7.57
N ASP A 450 16.69 -7.58 -7.45
CA ASP A 450 17.53 -7.91 -8.59
C ASP A 450 17.38 -9.37 -9.01
N PHE A 451 17.00 -10.25 -8.07
CA PHE A 451 16.77 -11.67 -8.41
C PHE A 451 15.46 -11.86 -9.19
N VAL A 452 14.40 -11.12 -8.86
CA VAL A 452 13.08 -11.41 -9.42
C VAL A 452 12.68 -10.49 -10.58
N LYS A 453 13.37 -9.38 -10.79
CA LYS A 453 12.78 -8.30 -11.57
C LYS A 453 12.63 -8.65 -13.05
N ASP A 454 13.45 -9.56 -13.57
CA ASP A 454 13.41 -9.92 -14.99
C ASP A 454 12.53 -11.13 -15.29
N ILE A 455 11.85 -11.67 -14.29
CA ILE A 455 10.92 -12.77 -14.47
C ILE A 455 9.51 -12.19 -14.57
N ASN A 456 8.76 -12.58 -15.60
CA ASN A 456 7.34 -12.22 -15.67
C ASN A 456 6.58 -13.29 -14.88
N PHE A 457 6.30 -12.97 -13.61
CA PHE A 457 5.48 -13.83 -12.78
C PHE A 457 4.07 -14.03 -13.34
N LEU A 458 3.59 -13.10 -14.16
CA LEU A 458 2.22 -13.24 -14.65
C LEU A 458 2.08 -14.37 -15.65
N GLU A 459 3.18 -14.80 -16.26
CA GLU A 459 3.11 -15.77 -17.33
C GLU A 459 3.80 -17.08 -17.02
N GLU A 460 4.48 -17.20 -15.88
CA GLU A 460 5.22 -18.42 -15.55
C GLU A 460 4.33 -19.56 -15.08
N LYS A 461 3.08 -19.29 -14.70
CA LYS A 461 2.21 -20.29 -14.07
C LYS A 461 2.89 -20.96 -12.89
N PHE A 462 3.49 -20.13 -12.02
CA PHE A 462 4.29 -20.66 -10.91
C PHE A 462 3.42 -21.48 -9.97
N GLU A 463 3.97 -22.60 -9.53
CA GLU A 463 3.36 -23.41 -8.50
C GLU A 463 4.39 -23.67 -7.43
N ARG A 464 3.92 -23.78 -6.19
CA ARG A 464 4.85 -24.02 -5.09
C ARG A 464 5.55 -25.35 -5.31
N LEU A 465 6.86 -25.35 -5.03
CA LEU A 465 7.69 -26.49 -5.33
C LEU A 465 7.26 -27.71 -4.52
N THR A 466 7.25 -28.86 -5.18
CA THR A 466 7.18 -30.16 -4.53
C THR A 466 7.72 -31.18 -5.54
N ASN A 467 7.53 -32.46 -5.24
CA ASN A 467 8.27 -33.54 -5.89
C ASN A 467 9.77 -33.30 -5.81
N TYR A 468 10.24 -32.77 -4.69
CA TYR A 468 11.68 -32.64 -4.51
C TYR A 468 12.19 -33.62 -3.47
N LYS A 469 13.48 -33.95 -3.58
CA LYS A 469 14.14 -34.88 -2.68
C LYS A 469 15.51 -34.31 -2.36
N PHE A 470 15.71 -33.92 -1.10
CA PHE A 470 17.04 -33.52 -0.66
C PHE A 470 17.94 -34.71 -0.50
N ASN A 471 19.21 -34.51 -0.83
CA ASN A 471 20.24 -35.49 -0.51
C ASN A 471 21.40 -34.71 0.10
N VAL A 472 21.32 -34.50 1.41
CA VAL A 472 22.26 -33.71 2.18
C VAL A 472 22.52 -34.47 3.47
N TYR A 473 23.78 -34.76 3.76
CA TYR A 473 24.11 -35.56 4.94
C TYR A 473 24.57 -34.73 6.11
N ASN A 474 25.29 -33.66 5.86
CA ASN A 474 25.96 -32.94 6.94
C ASN A 474 25.06 -31.92 7.61
N ARG A 475 24.02 -31.43 6.94
CA ARG A 475 23.23 -30.33 7.44
C ARG A 475 21.75 -30.64 7.28
N GLU A 476 20.93 -29.84 7.95
CA GLU A 476 19.49 -29.83 7.68
C GLU A 476 19.20 -28.60 6.84
N ILE A 477 18.98 -28.83 5.55
CA ILE A 477 18.66 -27.77 4.59
C ILE A 477 17.20 -27.94 4.21
N LYS A 478 16.48 -26.81 4.18
CA LYS A 478 15.10 -26.77 3.75
C LYS A 478 14.99 -25.86 2.53
N VAL A 479 13.86 -25.96 1.81
CA VAL A 479 13.68 -25.19 0.58
C VAL A 479 12.28 -24.60 0.53
N ILE A 480 12.21 -23.36 0.07
CA ILE A 480 10.98 -22.70 -0.36
C ILE A 480 11.15 -22.44 -1.85
N GLY A 481 10.21 -22.88 -2.68
CA GLY A 481 10.46 -22.83 -4.10
C GLY A 481 9.21 -22.62 -4.94
N LEU A 482 9.43 -22.12 -6.15
CA LEU A 482 8.40 -21.97 -7.16
C LEU A 482 8.82 -22.73 -8.40
N GLN A 483 7.87 -23.45 -8.99
CA GLN A 483 8.11 -24.19 -10.23
C GLN A 483 7.19 -23.66 -11.30
N GLY A 484 7.78 -23.14 -12.39
CA GLY A 484 6.99 -22.55 -13.45
C GLY A 484 7.20 -23.17 -14.82
N LYS A 485 6.62 -22.54 -15.84
CA LYS A 485 6.74 -23.00 -17.22
C LYS A 485 8.20 -23.03 -17.67
N LYS A 486 8.99 -22.04 -17.24
CA LYS A 486 10.31 -21.85 -17.79
C LYS A 486 11.36 -21.75 -16.68
N TYR A 487 10.98 -21.24 -15.52
CA TYR A 487 11.94 -21.07 -14.43
C TYR A 487 11.52 -21.87 -13.20
N ILE A 488 12.53 -22.28 -12.45
CA ILE A 488 12.35 -22.78 -11.08
C ILE A 488 13.19 -21.87 -10.18
N LEU A 489 12.57 -21.29 -9.18
CA LEU A 489 13.24 -20.41 -8.24
C LEU A 489 13.28 -21.09 -6.87
N LEU A 490 14.48 -21.22 -6.32
CA LEU A 490 14.68 -21.87 -5.03
C LEU A 490 15.30 -20.91 -4.04
N TRP A 491 14.78 -20.91 -2.81
CA TRP A 491 15.46 -20.32 -1.67
C TRP A 491 15.75 -21.46 -0.70
N LEU A 492 17.03 -21.77 -0.50
CA LEU A 492 17.47 -22.80 0.42
C LEU A 492 17.95 -22.14 1.70
N TYR A 493 17.63 -22.73 2.84
CA TYR A 493 18.10 -22.18 4.09
C TYR A 493 18.51 -23.30 5.04
N ASN A 494 19.48 -22.97 5.87
CA ASN A 494 19.95 -23.87 6.91
C ASN A 494 19.04 -23.72 8.13
N ALA A 495 18.31 -24.80 8.47
CA ALA A 495 17.32 -24.71 9.54
C ALA A 495 17.95 -24.35 10.87
N LYS A 496 19.21 -24.70 11.08
CA LYS A 496 19.88 -24.46 12.36
C LYS A 496 20.62 -23.14 12.42
N GLU A 497 20.70 -22.40 11.32
CA GLU A 497 21.35 -21.10 11.32
C GLU A 497 20.42 -19.95 10.98
N ALA A 498 19.32 -20.22 10.26
CA ALA A 498 18.48 -19.14 9.76
C ALA A 498 17.80 -18.38 10.90
N TYR A 499 17.58 -19.03 12.05
CA TYR A 499 16.87 -18.41 13.16
C TYR A 499 17.81 -17.91 14.26
N GLN A 500 19.11 -17.85 14.01
CA GLN A 500 20.05 -17.23 14.94
C GLN A 500 20.65 -15.98 14.29
N TYR A 501 20.72 -14.91 15.06
CA TYR A 501 20.92 -13.58 14.51
C TYR A 501 22.18 -12.90 15.03
N LYS A 502 23.09 -13.65 15.67
CA LYS A 502 24.24 -13.01 16.30
C LYS A 502 25.40 -12.79 15.35
N LYS A 503 25.57 -13.67 14.37
CA LYS A 503 26.76 -13.59 13.54
C LYS A 503 26.65 -12.47 12.50
N ASP A 504 27.81 -12.05 12.00
CA ASP A 504 27.88 -10.99 11.00
C ASP A 504 27.32 -11.48 9.67
N ILE A 505 27.03 -10.52 8.79
CA ILE A 505 26.51 -10.83 7.46
C ILE A 505 27.45 -11.81 6.79
N PRO A 506 26.97 -12.93 6.25
CA PRO A 506 27.85 -13.88 5.58
C PRO A 506 28.58 -13.19 4.43
N ASN A 507 29.84 -13.56 4.25
CA ASN A 507 30.58 -13.31 3.01
C ASN A 507 31.20 -14.66 2.66
N MET A 508 30.44 -15.50 1.96
CA MET A 508 31.00 -16.77 1.52
C MET A 508 32.11 -16.55 0.49
N ASP A 509 33.22 -17.26 0.73
CA ASP A 509 34.24 -17.59 -0.27
C ASP A 509 34.06 -19.01 -0.76
N SER A 510 33.21 -19.75 -0.07
CA SER A 510 32.87 -21.16 -0.19
C SER A 510 32.62 -21.62 -1.62
N SER A 511 33.33 -22.66 -2.08
CA SER A 511 33.10 -23.26 -3.41
C SER A 511 32.72 -24.71 -3.27
N LYS A 512 32.49 -25.09 -2.05
CA LYS A 512 32.52 -26.45 -1.66
C LYS A 512 31.15 -27.13 -1.94
N PHE A 513 31.14 -28.46 -2.16
CA PHE A 513 29.90 -29.20 -2.43
C PHE A 513 29.21 -29.63 -1.13
N LEU A 514 27.92 -29.29 -0.96
CA LEU A 514 27.17 -29.64 0.25
C LEU A 514 26.25 -30.84 0.10
N GLY A 515 25.71 -31.07 -1.08
CA GLY A 515 24.60 -31.99 -1.23
C GLY A 515 23.87 -31.64 -2.51
N SER A 516 22.68 -32.21 -2.64
CA SER A 516 21.97 -32.05 -3.90
C SER A 516 20.48 -31.97 -3.63
N ILE A 517 19.77 -31.42 -4.60
CA ILE A 517 18.31 -31.42 -4.61
C ILE A 517 17.86 -31.90 -5.98
N GLU A 518 17.11 -32.99 -6.00
CA GLU A 518 16.58 -33.55 -7.23
C GLU A 518 15.16 -33.04 -7.44
N LEU A 519 14.88 -32.56 -8.65
CA LEU A 519 13.56 -32.02 -8.97
C LEU A 519 12.95 -32.79 -10.15
N LEU A 520 11.63 -32.93 -10.13
CA LEU A 520 10.93 -33.56 -11.25
C LEU A 520 10.75 -32.45 -12.29
N ILE A 521 11.78 -32.30 -13.12
CA ILE A 521 11.80 -31.40 -14.26
C ILE A 521 12.54 -32.07 -15.40
N LYS A 522 12.34 -31.56 -16.62
CA LYS A 522 12.92 -32.22 -17.78
C LYS A 522 14.16 -31.46 -18.25
N PRO A 523 15.33 -32.07 -18.20
CA PRO A 523 16.58 -31.39 -18.58
C PRO A 523 16.72 -31.28 -20.09
N PRO A 524 17.71 -30.53 -20.62
CA PRO A 524 18.78 -29.84 -19.90
C PRO A 524 18.32 -28.52 -19.28
N ILE A 525 19.06 -28.07 -18.28
CA ILE A 525 18.72 -26.85 -17.55
C ILE A 525 20.00 -26.03 -17.36
N LYS A 526 19.81 -24.75 -17.07
CA LYS A 526 20.90 -23.86 -16.68
C LYS A 526 20.64 -23.37 -15.27
N VAL A 527 21.64 -23.48 -14.41
CA VAL A 527 21.50 -23.23 -12.98
C VAL A 527 22.35 -22.02 -12.61
N ILE A 528 21.72 -21.04 -11.98
CA ILE A 528 22.39 -19.84 -11.51
C ILE A 528 22.31 -19.81 -9.98
N TYR A 529 23.46 -19.71 -9.33
CA TYR A 529 23.53 -19.58 -7.87
C TYR A 529 23.67 -18.11 -7.51
N TYR A 530 22.87 -17.67 -6.55
CA TYR A 530 22.70 -16.24 -6.31
C TYR A 530 22.91 -15.94 -4.83
N ASP A 531 23.83 -15.03 -4.54
CA ASP A 531 24.12 -14.60 -3.18
C ASP A 531 23.03 -13.65 -2.71
N THR A 532 22.26 -14.06 -1.69
CA THR A 532 21.11 -13.28 -1.25
C THR A 532 21.48 -12.09 -0.37
N TYR A 533 22.74 -11.96 0.06
CA TYR A 533 23.17 -10.81 0.85
C TYR A 533 23.92 -9.78 0.03
N ARG A 534 24.79 -10.22 -0.86
CA ARG A 534 25.44 -9.34 -1.80
C ARG A 534 24.58 -9.02 -3.01
N GLY A 535 23.58 -9.85 -3.30
CA GLY A 535 22.73 -9.66 -4.46
C GLY A 535 23.47 -9.80 -5.77
N GLU A 536 24.13 -10.95 -5.95
CA GLU A 536 25.04 -11.19 -7.07
C GLU A 536 24.98 -12.65 -7.49
N LYS A 537 25.08 -12.88 -8.80
CA LYS A 537 25.32 -14.23 -9.29
C LYS A 537 26.66 -14.72 -8.78
N ILE A 538 26.68 -15.92 -8.19
CA ILE A 538 27.90 -16.52 -7.66
C ILE A 538 28.53 -17.47 -8.66
N LYS A 539 27.70 -18.23 -9.36
CA LYS A 539 28.16 -19.37 -10.13
C LYS A 539 27.07 -19.73 -11.13
N GLU A 540 27.48 -20.30 -12.25
CA GLU A 540 26.56 -20.70 -13.29
C GLU A 540 26.98 -22.09 -13.77
N LEU A 541 25.99 -22.95 -14.05
CA LEU A 541 26.29 -24.35 -14.35
C LEU A 541 25.22 -24.91 -15.28
N ASP A 542 25.65 -25.58 -16.35
CA ASP A 542 24.76 -26.32 -17.22
C ASP A 542 24.67 -27.78 -16.78
N LEU A 543 23.49 -28.38 -16.89
CA LEU A 543 23.24 -29.71 -16.38
C LEU A 543 22.42 -30.52 -17.37
N ASP A 544 22.69 -31.83 -17.40
CA ASP A 544 21.94 -32.77 -18.22
C ASP A 544 21.00 -33.66 -17.43
N LYS A 545 21.08 -33.63 -16.10
CA LYS A 545 20.21 -34.41 -15.23
C LYS A 545 19.40 -33.46 -14.35
N ASN A 546 18.49 -34.06 -13.57
CA ASN A 546 17.55 -33.30 -12.76
C ASN A 546 18.02 -33.16 -11.31
N VAL A 547 19.31 -33.30 -11.05
CA VAL A 547 19.86 -33.23 -9.70
C VAL A 547 20.82 -32.07 -9.65
N ILE A 548 20.49 -31.07 -8.82
CA ILE A 548 21.20 -29.80 -8.79
C ILE A 548 22.16 -29.82 -7.60
N PRO A 549 23.46 -29.67 -7.82
CA PRO A 549 24.38 -29.57 -6.69
C PRO A 549 24.08 -28.33 -5.86
N ILE A 550 24.21 -28.48 -4.55
CA ILE A 550 24.06 -27.36 -3.63
C ILE A 550 25.45 -26.96 -3.18
N ILE A 551 25.86 -25.76 -3.54
CA ILE A 551 27.17 -25.26 -3.15
C ILE A 551 27.10 -24.80 -1.70
N GLU A 552 28.27 -24.57 -1.11
CA GLU A 552 28.34 -24.17 0.28
C GLU A 552 27.74 -22.80 0.49
N PHE A 553 27.09 -22.62 1.62
CA PHE A 553 26.52 -21.33 2.01
C PHE A 553 26.30 -21.35 3.51
N GLU A 554 26.27 -20.16 4.12
CA GLU A 554 26.23 -20.07 5.58
C GLU A 554 24.80 -20.20 6.13
N ARG A 555 23.91 -19.30 5.71
CA ARG A 555 22.53 -19.25 6.21
C ARG A 555 21.50 -19.59 5.15
N ASP A 556 21.57 -18.96 3.99
CA ASP A 556 20.60 -19.22 2.94
C ASP A 556 21.22 -18.87 1.60
N LEU A 557 20.56 -19.34 0.54
CA LEU A 557 21.11 -19.22 -0.80
C LEU A 557 19.95 -19.31 -1.79
N ALA A 558 20.02 -18.53 -2.86
CA ALA A 558 19.01 -18.59 -3.91
C ALA A 558 19.57 -19.29 -5.14
N ILE A 559 18.69 -19.99 -5.85
CA ILE A 559 19.06 -20.68 -7.08
C ILE A 559 17.99 -20.41 -8.13
N LYS A 560 18.42 -20.00 -9.31
CA LYS A 560 17.51 -19.76 -10.43
C LYS A 560 17.82 -20.80 -11.50
N ILE A 561 16.82 -21.59 -11.85
CA ILE A 561 16.95 -22.69 -12.81
C ILE A 561 16.11 -22.35 -14.03
N GLU A 562 16.72 -22.43 -15.20
CA GLU A 562 16.02 -22.17 -16.46
C GLU A 562 15.90 -23.48 -17.22
N LEU A 563 14.65 -23.85 -17.54
CA LEU A 563 14.43 -25.01 -18.40
C LEU A 563 14.77 -24.63 -19.84
N LEU A 564 15.64 -25.42 -20.48
CA LEU A 564 16.11 -25.09 -21.82
C LEU A 564 15.42 -25.92 -22.89
#